data_3G1P
#
_entry.id   3G1P
#
_cell.length_a   111.650
_cell.length_b   75.405
_cell.length_c   83.228
_cell.angle_alpha   90.00
_cell.angle_beta   126.33
_cell.angle_gamma   90.00
#
_symmetry.space_group_name_H-M   'C 1 2 1'
#
loop_
_entity.id
_entity.type
_entity.pdbx_description
1 polymer 'Protein phnP'
2 non-polymer 'ZINC ION'
3 non-polymer 'MANGANESE (II) ION'
4 non-polymer D-MALATE
5 water water
#
_entity_poly.entity_id   1
_entity_poly.type   'polypeptide(L)'
_entity_poly.pdbx_seq_one_letter_code
;MSLTLTLTGTGGAQGVPAWGCECAACARARRSPQYRRQPCSGVVKFNDAITLIDAGLHDLADRWSPGSFQQFLLTHYHMD
HVQGLFPLRWGVGDPIPVYGPPDEQGCDDLFKHPGLLDFSHTVEPFVVFDLQGLQVTPLPLNHSKLTFGYLLETAHSRVA
WLSDTAGLPEKTLKFLRNNQPQVMVMDCSHPPRADAPRNHCDLNTVLALNQVIRSPRVILTHISHQFDAWLMENALPSGF
EVGFDGMEIGVAHHHHHH
;
_entity_poly.pdbx_strand_id   A,B
#
# COMPACT_ATOMS: atom_id res chain seq x y z
N SER A 2 6.72 -6.68 -32.01
CA SER A 2 5.64 -5.71 -31.62
C SER A 2 5.96 -5.13 -30.26
N LEU A 3 5.69 -3.84 -30.12
CA LEU A 3 5.96 -3.14 -28.86
C LEU A 3 4.80 -2.23 -28.49
N THR A 4 4.24 -2.46 -27.30
CA THR A 4 3.17 -1.64 -26.79
C THR A 4 3.53 -1.20 -25.38
N LEU A 5 3.27 0.06 -25.07
CA LEU A 5 3.46 0.57 -23.73
C LEU A 5 2.12 1.06 -23.23
N THR A 6 1.74 0.67 -22.03
CA THR A 6 0.52 1.14 -21.38
C THR A 6 0.87 1.93 -20.15
N LEU A 7 0.28 3.09 -19.96
CA LEU A 7 0.47 3.89 -18.75
C LEU A 7 -0.62 3.49 -17.78
N THR A 8 -0.35 2.63 -16.83
CA THR A 8 -1.41 2.14 -15.96
C THR A 8 -1.72 3.13 -14.86
N GLY A 9 -0.75 3.96 -14.51
CA GLY A 9 -0.97 5.05 -13.55
C GLY A 9 -0.20 6.25 -14.02
N THR A 10 -0.78 7.43 -13.86
CA THR A 10 -0.19 8.64 -14.38
C THR A 10 -0.13 9.77 -13.35
N GLY A 11 -0.39 9.40 -12.08
CA GLY A 11 -0.34 10.35 -10.99
C GLY A 11 0.90 10.22 -10.12
N GLY A 12 0.96 11.07 -9.11
CA GLY A 12 1.99 10.97 -8.10
C GLY A 12 1.41 10.34 -6.85
N ALA A 13 2.18 10.41 -5.78
CA ALA A 13 1.80 9.79 -4.52
C ALA A 13 0.45 10.32 -4.00
N GLN A 14 0.23 11.62 -4.17
CA GLN A 14 -1.00 12.26 -3.71
C GLN A 14 -2.20 11.84 -4.55
N GLY A 15 -1.95 11.60 -5.83
CA GLY A 15 -3.01 11.19 -6.75
C GLY A 15 -3.99 12.27 -7.17
N VAL A 16 -4.87 11.88 -8.09
CA VAL A 16 -6.00 12.72 -8.45
C VAL A 16 -7.21 11.81 -8.42
N PRO A 17 -8.22 12.13 -7.60
CA PRO A 17 -8.31 13.30 -6.75
C PRO A 17 -7.38 13.18 -5.54
N ALA A 18 -6.84 14.31 -5.10
CA ALA A 18 -6.15 14.36 -3.82
C ALA A 18 -7.21 14.19 -2.74
N TRP A 19 -6.89 13.47 -1.68
CA TRP A 19 -7.91 13.14 -0.69
C TRP A 19 -8.53 14.41 -0.08
N GLY A 20 -9.86 14.53 -0.21
CA GLY A 20 -10.60 15.68 0.32
C GLY A 20 -10.57 16.96 -0.50
N CYS A 21 -9.77 16.99 -1.56
CA CYS A 21 -9.64 18.19 -2.36
C CYS A 21 -10.85 18.36 -3.27
N GLU A 22 -11.34 19.60 -3.37
CA GLU A 22 -12.47 19.88 -4.23
C GLU A 22 -12.14 20.89 -5.33
N CYS A 23 -10.87 20.96 -5.73
CA CYS A 23 -10.49 21.80 -6.87
C CYS A 23 -11.13 21.25 -8.14
N ALA A 24 -11.04 22.01 -9.23
CA ALA A 24 -11.76 21.64 -10.43
C ALA A 24 -11.32 20.27 -10.94
N ALA A 25 -10.03 19.95 -10.80
CA ALA A 25 -9.51 18.68 -11.29
C ALA A 25 -9.99 17.51 -10.45
N CYS A 26 -9.95 17.69 -9.13
CA CYS A 26 -10.31 16.64 -8.18
C CYS A 26 -11.82 16.40 -8.17
N ALA A 27 -12.58 17.49 -8.18
CA ALA A 27 -14.02 17.34 -8.26
C ALA A 27 -14.43 16.65 -9.58
N ARG A 28 -13.75 17.00 -10.68
CA ARG A 28 -14.05 16.35 -11.94
C ARG A 28 -13.75 14.85 -11.84
N ALA A 29 -12.61 14.50 -11.23
CA ALA A 29 -12.21 13.11 -11.13
C ALA A 29 -13.12 12.28 -10.21
N ARG A 30 -13.82 12.96 -9.30
CA ARG A 30 -14.84 12.30 -8.49
C ARG A 30 -16.14 12.04 -9.23
N ARG A 31 -16.53 12.99 -10.08
CA ARG A 31 -17.73 12.81 -10.90
C ARG A 31 -17.52 11.81 -12.02
N SER A 32 -16.31 11.83 -12.59
CA SER A 32 -15.95 10.95 -13.70
C SER A 32 -14.62 10.25 -13.41
N PRO A 33 -14.69 8.98 -13.00
CA PRO A 33 -13.48 8.25 -12.60
C PRO A 33 -12.42 8.10 -13.69
N GLN A 34 -12.80 8.31 -14.95
CA GLN A 34 -11.86 8.26 -16.06
C GLN A 34 -10.80 9.33 -15.96
N TYR A 35 -11.02 10.30 -15.08
CA TYR A 35 -10.03 11.34 -14.83
C TYR A 35 -9.13 11.05 -13.61
N ARG A 36 -9.38 9.95 -12.92
CA ARG A 36 -8.53 9.58 -11.79
C ARG A 36 -7.10 9.25 -12.27
N ARG A 37 -6.13 9.53 -11.41
CA ARG A 37 -4.72 9.20 -11.69
C ARG A 37 -4.16 8.38 -10.51
N GLN A 38 -3.82 7.13 -10.80
CA GLN A 38 -3.16 6.23 -9.84
C GLN A 38 -1.65 6.38 -9.99
N PRO A 39 -0.90 5.78 -9.05
CA PRO A 39 0.53 6.05 -9.04
C PRO A 39 1.26 5.63 -10.31
N CYS A 40 2.15 6.50 -10.76
CA CYS A 40 2.92 6.35 -12.00
C CYS A 40 3.49 4.96 -12.23
N SER A 41 3.04 4.27 -13.27
CA SER A 41 3.44 2.89 -13.51
C SER A 41 3.08 2.55 -14.92
N GLY A 42 3.69 1.51 -15.46
CA GLY A 42 3.40 1.15 -16.83
C GLY A 42 3.58 -0.33 -17.09
N VAL A 43 3.19 -0.75 -18.29
CA VAL A 43 3.32 -2.12 -18.73
C VAL A 43 3.90 -2.10 -20.13
N VAL A 44 4.97 -2.84 -20.35
CA VAL A 44 5.60 -2.96 -21.67
C VAL A 44 5.36 -4.36 -22.17
N LYS A 45 4.85 -4.48 -23.39
CA LYS A 45 4.67 -5.79 -24.00
C LYS A 45 5.48 -5.83 -25.28
N PHE A 46 6.44 -6.74 -25.33
CA PHE A 46 7.28 -6.91 -26.51
C PHE A 46 7.03 -8.33 -26.99
N ASN A 47 6.35 -8.44 -28.13
CA ASN A 47 5.87 -9.75 -28.59
C ASN A 47 5.02 -10.35 -27.46
N ASP A 48 5.37 -11.53 -26.96
CA ASP A 48 4.57 -12.12 -25.88
C ASP A 48 5.03 -11.74 -24.47
N ALA A 49 6.15 -11.03 -24.37
CA ALA A 49 6.81 -10.80 -23.07
C ALA A 49 6.34 -9.50 -22.42
N ILE A 50 6.01 -9.60 -21.14
CA ILE A 50 5.43 -8.49 -20.40
C ILE A 50 6.32 -8.06 -19.24
N THR A 51 6.60 -6.76 -19.17
CA THR A 51 7.36 -6.14 -18.10
C THR A 51 6.47 -5.15 -17.41
N LEU A 52 6.39 -5.22 -16.10
CA LEU A 52 5.67 -4.23 -15.32
C LEU A 52 6.66 -3.18 -14.83
N ILE A 53 6.50 -1.95 -15.26
CA ILE A 53 7.35 -0.85 -14.82
C ILE A 53 6.73 -0.23 -13.59
N ASP A 54 7.45 -0.36 -12.49
CA ASP A 54 7.00 0.04 -11.16
C ASP A 54 5.76 -0.71 -10.67
N ALA A 55 5.39 -0.46 -9.43
CA ALA A 55 4.40 -1.30 -8.76
C ALA A 55 3.66 -0.47 -7.76
N GLY A 56 3.22 0.70 -8.19
CA GLY A 56 2.50 1.59 -7.29
C GLY A 56 1.03 1.24 -7.18
N LEU A 57 0.49 0.50 -8.15
CA LEU A 57 -0.93 0.13 -8.11
C LEU A 57 -1.20 -0.84 -6.98
N HIS A 58 -2.38 -0.74 -6.38
CA HIS A 58 -2.75 -1.54 -5.21
C HIS A 58 -3.39 -2.87 -5.58
N ASP A 59 -3.71 -3.08 -6.86
CA ASP A 59 -4.45 -4.26 -7.27
C ASP A 59 -3.77 -5.12 -8.33
N LEU A 60 -2.44 -5.17 -8.30
CA LEU A 60 -1.72 -6.02 -9.24
C LEU A 60 -2.14 -7.47 -9.08
N ALA A 61 -2.53 -7.88 -7.87
CA ALA A 61 -2.87 -9.28 -7.63
C ALA A 61 -4.16 -9.67 -8.34
N ASP A 62 -4.94 -8.68 -8.75
CA ASP A 62 -6.17 -8.91 -9.48
C ASP A 62 -5.95 -8.80 -10.98
N ARG A 63 -4.98 -7.98 -11.35
CA ARG A 63 -4.71 -7.72 -12.76
C ARG A 63 -3.88 -8.87 -13.37
N TRP A 64 -3.08 -9.54 -12.51
CA TRP A 64 -2.08 -10.50 -12.98
C TRP A 64 -2.08 -11.70 -12.07
N SER A 65 -1.74 -12.86 -12.61
CA SER A 65 -1.47 -14.03 -11.80
C SER A 65 0.03 -14.33 -11.81
N PRO A 66 0.51 -15.13 -10.85
CA PRO A 66 1.94 -15.43 -10.91
C PRO A 66 2.29 -16.15 -12.20
N GLY A 67 3.31 -15.67 -12.90
CA GLY A 67 3.76 -16.28 -14.13
C GLY A 67 3.14 -15.66 -15.36
N SER A 68 2.18 -14.75 -15.19
CA SER A 68 1.50 -14.12 -16.34
C SER A 68 2.26 -12.93 -16.92
N PHE A 69 3.32 -12.51 -16.23
CA PHE A 69 4.23 -11.51 -16.75
C PHE A 69 5.66 -11.98 -16.44
N GLN A 70 6.64 -11.36 -17.08
CA GLN A 70 7.99 -11.91 -17.05
C GLN A 70 8.87 -11.30 -15.96
N GLN A 71 8.75 -10.00 -15.71
CA GLN A 71 9.56 -9.36 -14.66
C GLN A 71 8.98 -8.02 -14.30
N PHE A 72 9.39 -7.51 -13.14
CA PHE A 72 9.26 -6.10 -12.81
C PHE A 72 10.49 -5.34 -13.20
N LEU A 73 10.31 -4.08 -13.56
CA LEU A 73 11.40 -3.16 -13.80
C LEU A 73 11.11 -1.96 -12.94
N LEU A 74 11.93 -1.68 -11.93
CA LEU A 74 11.67 -0.60 -11.00
C LEU A 74 12.56 0.60 -11.27
N THR A 75 11.99 1.79 -11.14
CA THR A 75 12.78 3.00 -11.26
C THR A 75 13.48 3.35 -9.93
N HIS A 76 12.78 3.15 -8.82
CA HIS A 76 13.33 3.51 -7.51
C HIS A 76 12.40 2.97 -6.45
N TYR A 77 12.83 3.11 -5.20
CA TYR A 77 12.16 2.44 -4.08
C TYR A 77 11.31 3.34 -3.19
N HIS A 78 10.93 4.53 -3.66
CA HIS A 78 9.88 5.27 -2.95
C HIS A 78 8.61 4.42 -2.85
N MET A 79 7.90 4.57 -1.74
CA MET A 79 6.71 3.77 -1.45
C MET A 79 5.70 3.77 -2.58
N ASP A 80 5.49 4.92 -3.20
CA ASP A 80 4.47 4.99 -4.24
C ASP A 80 4.85 4.28 -5.53
N HIS A 81 6.09 3.78 -5.61
CA HIS A 81 6.53 2.98 -6.76
C HIS A 81 6.67 1.51 -6.45
N VAL A 82 6.60 1.13 -5.17
CA VAL A 82 6.75 -0.28 -4.79
C VAL A 82 5.67 -0.84 -3.86
N GLN A 83 4.72 -0.02 -3.43
CA GLN A 83 3.73 -0.46 -2.43
C GLN A 83 2.90 -1.65 -2.92
N GLY A 84 2.74 -1.77 -4.22
CA GLY A 84 2.01 -2.88 -4.81
C GLY A 84 2.69 -4.22 -4.76
N LEU A 85 3.98 -4.24 -4.41
CA LEU A 85 4.71 -5.51 -4.28
C LEU A 85 4.34 -6.23 -2.99
N PHE A 86 3.95 -5.48 -1.96
CA PHE A 86 3.61 -6.11 -0.68
C PHE A 86 2.47 -7.18 -0.74
N PRO A 87 1.37 -6.91 -1.48
CA PRO A 87 0.31 -7.95 -1.63
C PRO A 87 0.73 -9.14 -2.50
N LEU A 88 1.90 -9.07 -3.14
CA LEU A 88 2.34 -10.13 -4.05
C LEU A 88 3.36 -11.08 -3.45
N ARG A 89 4.19 -10.57 -2.54
CA ARG A 89 5.38 -11.35 -2.19
C ARG A 89 5.07 -12.70 -1.57
N TRP A 90 3.92 -12.82 -0.88
CA TRP A 90 3.56 -14.08 -0.23
C TRP A 90 2.72 -14.99 -1.13
N GLY A 91 2.73 -14.76 -2.43
CA GLY A 91 1.98 -15.60 -3.33
C GLY A 91 2.61 -16.98 -3.55
N VAL A 92 1.94 -17.75 -4.39
CA VAL A 92 2.35 -19.10 -4.77
C VAL A 92 2.75 -19.09 -6.23
N GLY A 93 4.00 -19.44 -6.49
CA GLY A 93 4.51 -19.40 -7.85
C GLY A 93 6.02 -19.44 -7.89
N ASP A 94 6.54 -19.40 -9.11
CA ASP A 94 7.97 -19.32 -9.33
C ASP A 94 8.50 -17.92 -8.99
N PRO A 95 9.82 -17.81 -8.74
CA PRO A 95 10.39 -16.49 -8.43
C PRO A 95 10.13 -15.50 -9.57
N ILE A 96 9.91 -14.24 -9.20
CA ILE A 96 9.65 -13.19 -10.17
C ILE A 96 10.83 -12.25 -10.15
N PRO A 97 11.55 -12.13 -11.27
CA PRO A 97 12.69 -11.24 -11.30
C PRO A 97 12.25 -9.78 -11.12
N VAL A 98 12.99 -9.03 -10.32
CA VAL A 98 12.80 -7.62 -10.16
C VAL A 98 14.08 -6.89 -10.56
N TYR A 99 14.05 -6.20 -11.70
CA TYR A 99 15.18 -5.43 -12.19
C TYR A 99 15.10 -4.04 -11.64
N GLY A 100 16.21 -3.44 -11.25
CA GLY A 100 16.16 -2.07 -10.75
C GLY A 100 17.52 -1.56 -10.29
N PRO A 101 17.55 -0.34 -9.78
CA PRO A 101 18.82 0.23 -9.32
C PRO A 101 19.34 -0.47 -8.08
N PRO A 102 20.65 -0.42 -7.86
CA PRO A 102 21.29 -1.09 -6.73
C PRO A 102 21.12 -0.28 -5.45
N ASP A 103 19.87 0.01 -5.08
CA ASP A 103 19.54 0.67 -3.83
C ASP A 103 19.74 -0.36 -2.73
N GLU A 104 20.57 -0.05 -1.73
CA GLU A 104 20.94 -1.07 -0.76
C GLU A 104 19.86 -1.33 0.28
N GLN A 105 18.99 -0.35 0.50
CA GLN A 105 17.99 -0.42 1.55
C GLN A 105 16.65 -0.95 1.08
N GLY A 106 16.28 -0.61 -0.15
CA GLY A 106 14.98 -1.06 -0.65
C GLY A 106 13.90 -0.22 0.00
N CYS A 107 12.81 -0.87 0.37
CA CYS A 107 11.69 -0.23 1.05
C CYS A 107 11.17 -1.17 2.12
N ASP A 108 11.08 -0.67 3.35
CA ASP A 108 10.61 -1.48 4.49
C ASP A 108 11.35 -2.81 4.48
N ASP A 109 10.64 -3.93 4.66
CA ASP A 109 11.31 -5.22 4.74
C ASP A 109 11.27 -6.07 3.47
N LEU A 110 11.12 -5.43 2.30
CA LEU A 110 11.11 -6.17 1.07
C LEU A 110 12.34 -7.05 0.88
N PHE A 111 13.51 -6.45 1.11
CA PHE A 111 14.77 -7.17 0.85
C PHE A 111 14.99 -8.32 1.83
N LYS A 112 14.64 -8.09 3.09
CA LYS A 112 14.82 -9.14 4.09
C LYS A 112 13.82 -10.29 3.92
N HIS A 113 12.60 -9.96 3.49
CA HIS A 113 11.50 -10.91 3.38
C HIS A 113 10.87 -10.79 1.99
N PRO A 114 11.60 -11.21 0.96
CA PRO A 114 11.16 -10.93 -0.39
C PRO A 114 10.12 -11.91 -0.92
N GLY A 115 9.93 -13.05 -0.27
CA GLY A 115 8.95 -14.01 -0.76
C GLY A 115 9.30 -14.45 -2.18
N LEU A 116 8.34 -14.39 -3.10
CA LEU A 116 8.62 -14.80 -4.47
C LEU A 116 9.35 -13.74 -5.30
N LEU A 117 9.63 -12.57 -4.73
CA LEU A 117 10.33 -11.54 -5.50
C LEU A 117 11.84 -11.73 -5.46
N ASP A 118 12.49 -11.63 -6.62
CA ASP A 118 13.94 -11.82 -6.68
C ASP A 118 14.60 -10.49 -7.03
N PHE A 119 15.11 -9.80 -6.02
CA PHE A 119 15.68 -8.47 -6.19
C PHE A 119 17.15 -8.46 -6.61
N SER A 120 17.70 -9.64 -6.92
CA SER A 120 19.12 -9.72 -7.27
C SER A 120 19.47 -9.16 -8.64
N HIS A 121 18.46 -8.87 -9.46
CA HIS A 121 18.62 -8.41 -10.83
C HIS A 121 18.91 -6.91 -10.91
N THR A 122 19.89 -6.45 -10.15
CA THR A 122 20.23 -5.04 -10.21
C THR A 122 20.89 -4.71 -11.55
N VAL A 123 20.72 -3.45 -11.96
CA VAL A 123 21.22 -3.00 -13.24
C VAL A 123 22.18 -1.82 -13.06
N GLU A 124 22.88 -1.44 -14.15
CA GLU A 124 23.94 -0.43 -14.06
C GLU A 124 23.73 0.70 -15.03
N PRO A 125 24.07 1.94 -14.63
CA PRO A 125 23.92 3.06 -15.57
C PRO A 125 24.55 2.80 -16.92
N PHE A 126 23.77 3.02 -17.98
CA PHE A 126 24.28 2.97 -19.34
C PHE A 126 24.74 1.59 -19.79
N VAL A 127 24.47 0.57 -18.99
CA VAL A 127 24.82 -0.78 -19.41
C VAL A 127 23.56 -1.50 -19.90
N VAL A 128 23.53 -1.78 -21.19
CA VAL A 128 22.35 -2.36 -21.80
C VAL A 128 22.14 -3.76 -21.27
N PHE A 129 20.89 -4.10 -21.00
CA PHE A 129 20.51 -5.48 -20.72
C PHE A 129 19.31 -5.89 -21.56
N ASP A 130 19.05 -7.18 -21.65
CA ASP A 130 18.11 -7.72 -22.58
C ASP A 130 16.96 -8.37 -21.84
N LEU A 131 15.73 -7.98 -22.17
CA LEU A 131 14.52 -8.64 -21.64
C LEU A 131 13.76 -9.25 -22.80
N GLN A 132 13.90 -10.56 -22.96
CA GLN A 132 13.25 -11.26 -24.09
C GLN A 132 13.43 -10.54 -25.42
N GLY A 133 14.64 -10.04 -25.66
CA GLY A 133 14.95 -9.38 -26.93
C GLY A 133 14.86 -7.87 -26.93
N LEU A 134 14.15 -7.32 -25.95
CA LEU A 134 14.02 -5.90 -25.80
C LEU A 134 15.30 -5.36 -25.17
N GLN A 135 15.91 -4.35 -25.78
CA GLN A 135 17.14 -3.78 -25.26
C GLN A 135 16.84 -2.64 -24.32
N VAL A 136 17.31 -2.73 -23.09
CA VAL A 136 16.95 -1.78 -22.05
C VAL A 136 18.22 -1.10 -21.51
N THR A 137 18.25 0.21 -21.49
CA THR A 137 19.40 0.94 -20.97
C THR A 137 18.99 1.77 -19.75
N PRO A 138 19.58 1.52 -18.58
CA PRO A 138 19.30 2.36 -17.41
C PRO A 138 19.89 3.75 -17.53
N LEU A 139 19.13 4.77 -17.14
CA LEU A 139 19.53 6.15 -17.28
C LEU A 139 19.41 6.81 -15.92
N PRO A 140 20.51 7.28 -15.34
CA PRO A 140 20.39 7.93 -14.04
C PRO A 140 19.54 9.20 -14.10
N LEU A 141 18.69 9.39 -13.11
CA LEU A 141 17.83 10.56 -13.04
C LEU A 141 18.19 11.44 -11.85
N ASN A 142 17.61 12.64 -11.81
CA ASN A 142 17.81 13.58 -10.70
C ASN A 142 16.66 13.47 -9.69
N HIS A 143 16.89 12.82 -8.56
CA HIS A 143 15.80 12.53 -7.62
C HIS A 143 16.36 12.22 -6.23
N SER A 144 15.52 12.30 -5.20
CA SER A 144 16.00 12.16 -3.82
C SER A 144 16.41 10.75 -3.43
N LYS A 145 15.99 9.75 -4.21
CA LYS A 145 16.50 8.39 -4.06
C LYS A 145 17.26 8.03 -5.32
N LEU A 146 18.11 7.02 -5.24
CA LEU A 146 18.76 6.48 -6.43
C LEU A 146 17.67 6.00 -7.40
N THR A 147 17.63 6.62 -8.57
CA THR A 147 16.50 6.45 -9.50
C THR A 147 17.03 6.30 -10.92
N PHE A 148 16.56 5.27 -11.61
CA PHE A 148 16.86 5.10 -13.02
C PHE A 148 15.60 5.24 -13.85
N GLY A 149 15.71 5.95 -14.95
CA GLY A 149 14.78 5.78 -16.06
C GLY A 149 15.33 4.75 -17.03
N TYR A 150 14.62 4.48 -18.11
CA TYR A 150 15.02 3.43 -19.03
C TYR A 150 14.79 3.81 -20.48
N LEU A 151 15.77 3.56 -21.33
CA LEU A 151 15.51 3.53 -22.77
C LEU A 151 15.14 2.11 -23.17
N LEU A 152 14.04 1.97 -23.91
CA LEU A 152 13.57 0.68 -24.38
C LEU A 152 13.73 0.70 -25.89
N GLU A 153 14.46 -0.26 -26.45
CA GLU A 153 14.81 -0.20 -27.87
C GLU A 153 14.60 -1.52 -28.55
N THR A 154 13.99 -1.48 -29.73
CA THR A 154 13.85 -2.62 -30.60
C THR A 154 14.56 -2.26 -31.89
N ALA A 155 14.42 -3.09 -32.91
CA ALA A 155 15.09 -2.82 -34.18
C ALA A 155 14.78 -1.43 -34.73
N HIS A 156 13.53 -1.01 -34.62
CA HIS A 156 13.16 0.27 -35.22
C HIS A 156 12.59 1.34 -34.27
N SER A 157 12.33 0.97 -33.01
CA SER A 157 11.67 1.89 -32.09
C SER A 157 12.48 2.15 -30.84
N ARG A 158 12.31 3.35 -30.29
CA ARG A 158 13.03 3.76 -29.11
C ARG A 158 12.09 4.57 -28.24
N VAL A 159 11.89 4.10 -27.02
CA VAL A 159 10.98 4.79 -26.12
C VAL A 159 11.70 5.03 -24.80
N ALA A 160 11.57 6.21 -24.25
CA ALA A 160 12.21 6.49 -22.95
C ALA A 160 11.16 6.60 -21.85
N TRP A 161 11.42 5.98 -20.71
CA TRP A 161 10.55 6.09 -19.53
C TRP A 161 11.33 6.83 -18.47
N LEU A 162 10.95 8.07 -18.20
CA LEU A 162 11.72 8.96 -17.32
C LEU A 162 10.91 9.53 -16.15
N SER A 163 10.79 8.73 -15.09
CA SER A 163 10.15 9.21 -13.86
C SER A 163 10.77 8.39 -12.74
N ASP A 164 10.97 8.94 -11.54
CA ASP A 164 10.70 10.34 -11.16
C ASP A 164 11.97 11.18 -11.36
N THR A 165 11.84 12.41 -11.86
CA THR A 165 13.05 13.21 -12.03
C THR A 165 12.75 14.69 -12.13
N ALA A 166 13.73 15.46 -11.70
CA ALA A 166 13.78 16.93 -11.87
C ALA A 166 14.97 17.33 -12.74
N GLY A 167 14.70 17.70 -13.99
CA GLY A 167 15.80 17.90 -14.92
C GLY A 167 16.45 16.55 -15.20
N LEU A 168 17.52 16.58 -15.98
CA LEU A 168 18.29 15.37 -16.25
C LEU A 168 19.77 15.63 -16.03
N PRO A 169 20.48 14.64 -15.44
CA PRO A 169 21.92 14.77 -15.37
C PRO A 169 22.54 14.88 -16.76
N GLU A 170 23.68 15.56 -16.85
CA GLU A 170 24.31 15.84 -18.14
C GLU A 170 24.53 14.62 -19.03
N LYS A 171 25.07 13.55 -18.49
CA LYS A 171 25.34 12.36 -19.30
C LYS A 171 24.04 11.70 -19.81
N THR A 172 22.99 11.72 -18.99
CA THR A 172 21.69 11.18 -19.40
C THR A 172 21.08 12.07 -20.50
N LEU A 173 21.14 13.38 -20.31
CA LEU A 173 20.63 14.30 -21.32
C LEU A 173 21.32 14.10 -22.66
N LYS A 174 22.64 14.06 -22.61
CA LYS A 174 23.42 13.85 -23.84
C LYS A 174 23.11 12.50 -24.48
N PHE A 175 22.96 11.46 -23.66
CA PHE A 175 22.63 10.15 -24.20
C PHE A 175 21.27 10.18 -24.94
N LEU A 176 20.30 10.85 -24.35
CA LEU A 176 19.00 10.95 -24.99
C LEU A 176 19.03 11.78 -26.27
N ARG A 177 19.81 12.84 -26.28
CA ARG A 177 19.96 13.61 -27.51
C ARG A 177 20.58 12.74 -28.61
N ASN A 178 21.54 11.90 -28.25
CA ASN A 178 22.24 11.03 -29.20
C ASN A 178 21.49 9.77 -29.57
N ASN A 179 20.47 9.43 -28.79
CA ASN A 179 19.65 8.25 -29.02
C ASN A 179 18.21 8.70 -28.94
N GLN A 180 17.83 9.56 -29.87
CA GLN A 180 16.58 10.29 -29.76
C GLN A 180 15.40 9.35 -29.66
N PRO A 181 14.63 9.44 -28.58
CA PRO A 181 13.46 8.57 -28.46
C PRO A 181 12.32 9.06 -29.34
N GLN A 182 11.63 8.15 -30.00
CA GLN A 182 10.45 8.54 -30.75
C GLN A 182 9.32 8.91 -29.81
N VAL A 183 9.32 8.31 -28.62
CA VAL A 183 8.34 8.63 -27.59
C VAL A 183 9.10 8.77 -26.29
N MET A 184 8.84 9.85 -25.55
CA MET A 184 9.46 10.05 -24.23
C MET A 184 8.34 10.23 -23.21
N VAL A 185 8.21 9.30 -22.28
CA VAL A 185 7.28 9.42 -21.17
C VAL A 185 8.04 10.09 -20.01
N MET A 186 7.58 11.26 -19.59
CA MET A 186 8.35 12.15 -18.73
C MET A 186 7.57 12.65 -17.53
N ASP A 187 8.18 12.56 -16.35
CA ASP A 187 7.65 13.18 -15.13
C ASP A 187 7.46 14.67 -15.38
N CYS A 188 6.24 15.14 -15.22
CA CYS A 188 5.98 16.57 -15.24
C CYS A 188 4.90 16.82 -14.22
N SER A 189 5.30 16.94 -12.96
CA SER A 189 4.34 17.03 -11.88
C SER A 189 3.64 18.37 -11.86
N HIS A 190 4.37 19.44 -12.19
CA HIS A 190 3.91 20.81 -11.89
C HIS A 190 3.67 21.64 -13.12
N PRO A 191 2.75 22.61 -13.02
CA PRO A 191 2.58 23.60 -14.07
C PRO A 191 3.82 24.49 -14.15
N PRO A 192 3.93 25.29 -15.23
CA PRO A 192 5.12 26.11 -15.41
C PRO A 192 5.46 26.92 -14.16
N ARG A 193 6.74 26.89 -13.79
CA ARG A 193 7.23 27.50 -12.55
C ARG A 193 8.49 28.31 -12.84
N ALA A 194 8.83 29.15 -11.87
CA ALA A 194 10.16 29.76 -11.76
C ALA A 194 10.53 29.71 -10.28
N ASP A 195 11.55 28.95 -9.93
CA ASP A 195 12.31 28.15 -10.89
C ASP A 195 12.20 26.68 -10.52
N ALA A 196 13.33 26.01 -10.35
CA ALA A 196 13.36 24.57 -10.02
C ALA A 196 12.31 23.81 -10.82
N PRO A 197 11.56 22.89 -10.16
CA PRO A 197 11.55 22.42 -8.77
C PRO A 197 12.63 21.39 -8.48
N ARG A 198 12.61 20.85 -7.26
CA ARG A 198 13.71 20.02 -6.75
C ARG A 198 13.66 18.54 -7.13
N ASN A 199 12.49 17.92 -7.06
CA ASN A 199 12.40 16.45 -7.20
C ASN A 199 11.62 15.95 -8.39
N HIS A 200 10.80 16.83 -8.95
CA HIS A 200 9.99 16.52 -10.11
C HIS A 200 9.98 17.72 -11.03
N CYS A 201 9.99 17.47 -12.33
CA CYS A 201 9.93 18.56 -13.30
C CYS A 201 8.65 19.38 -13.21
N ASP A 202 8.76 20.64 -13.61
CA ASP A 202 7.62 21.43 -14.02
C ASP A 202 7.64 21.51 -15.55
N LEU A 203 6.60 22.09 -16.13
CA LEU A 203 6.47 22.12 -17.56
C LEU A 203 7.62 22.86 -18.22
N ASN A 204 8.10 23.94 -17.60
CA ASN A 204 9.21 24.67 -18.23
C ASN A 204 10.48 23.84 -18.33
N THR A 205 10.71 23.00 -17.33
CA THR A 205 11.87 22.12 -17.35
C THR A 205 11.75 21.07 -18.44
N VAL A 206 10.59 20.49 -18.60
CA VAL A 206 10.39 19.52 -19.67
C VAL A 206 10.56 20.17 -21.05
N LEU A 207 10.03 21.37 -21.20
CA LEU A 207 10.22 22.09 -22.46
C LEU A 207 11.70 22.33 -22.71
N ALA A 208 12.43 22.76 -21.69
CA ALA A 208 13.87 22.97 -21.85
C ALA A 208 14.60 21.69 -22.25
N LEU A 209 14.23 20.57 -21.64
CA LEU A 209 14.90 19.32 -21.95
C LEU A 209 14.62 18.92 -23.40
N ASN A 210 13.40 19.12 -23.86
CA ASN A 210 13.11 18.68 -25.23
C ASN A 210 13.63 19.63 -26.31
N GLN A 211 13.98 20.84 -25.90
CA GLN A 211 14.73 21.73 -26.81
C GLN A 211 16.04 21.08 -27.24
N VAL A 212 16.61 20.27 -26.36
CA VAL A 212 17.86 19.53 -26.61
C VAL A 212 17.59 18.15 -27.23
N ILE A 213 16.71 17.38 -26.61
CA ILE A 213 16.48 16.01 -27.05
C ILE A 213 15.69 15.94 -28.36
N ARG A 214 14.72 16.83 -28.52
CA ARG A 214 13.92 16.88 -29.76
C ARG A 214 13.15 15.58 -30.06
N SER A 215 12.65 14.91 -29.02
CA SER A 215 11.73 13.81 -29.26
C SER A 215 10.45 14.36 -29.89
N PRO A 216 9.96 13.67 -30.93
CA PRO A 216 8.74 14.16 -31.58
C PRO A 216 7.44 13.88 -30.84
N ARG A 217 7.47 13.12 -29.75
CA ARG A 217 6.22 12.84 -29.02
C ARG A 217 6.56 12.70 -27.54
N VAL A 218 6.27 13.75 -26.78
CA VAL A 218 6.52 13.73 -25.36
C VAL A 218 5.20 13.55 -24.64
N ILE A 219 5.13 12.52 -23.79
CA ILE A 219 3.92 12.25 -23.04
C ILE A 219 4.18 12.54 -21.58
N LEU A 220 3.46 13.50 -21.02
CA LEU A 220 3.67 13.94 -19.65
C LEU A 220 2.93 13.01 -18.71
N THR A 221 3.61 12.62 -17.63
CA THR A 221 3.01 11.78 -16.62
C THR A 221 3.38 12.26 -15.24
N HIS A 222 2.98 11.51 -14.21
CA HIS A 222 3.22 11.95 -12.83
C HIS A 222 2.54 13.31 -12.54
N ILE A 223 1.34 13.47 -13.09
CA ILE A 223 0.66 14.75 -13.09
C ILE A 223 0.01 15.05 -11.72
N SER A 224 0.36 16.19 -11.11
CA SER A 224 -0.29 16.64 -9.86
C SER A 224 -1.67 17.21 -10.15
N HIS A 225 -2.52 17.27 -9.12
CA HIS A 225 -3.83 17.88 -9.29
C HIS A 225 -3.78 19.35 -9.70
N GLN A 226 -2.77 20.08 -9.26
CA GLN A 226 -2.64 21.49 -9.65
C GLN A 226 -2.34 21.58 -11.14
N PHE A 227 -1.49 20.69 -11.65
CA PHE A 227 -1.17 20.70 -13.08
C PHE A 227 -2.40 20.30 -13.86
N ASP A 228 -3.16 19.34 -13.38
CA ASP A 228 -4.41 19.01 -14.06
C ASP A 228 -5.35 20.21 -14.15
N ALA A 229 -5.50 20.92 -13.05
CA ALA A 229 -6.36 22.10 -13.03
C ALA A 229 -5.87 23.11 -14.05
N TRP A 230 -4.56 23.30 -14.12
CA TRP A 230 -3.95 24.24 -15.08
C TRP A 230 -4.24 23.79 -16.51
N LEU A 231 -4.10 22.50 -16.77
CA LEU A 231 -4.34 21.96 -18.09
C LEU A 231 -5.79 22.11 -18.54
N MET A 232 -6.71 22.26 -17.58
CA MET A 232 -8.11 22.45 -17.95
C MET A 232 -8.29 23.81 -18.64
N GLU A 233 -7.33 24.72 -18.43
CA GLU A 233 -7.46 26.08 -18.94
C GLU A 233 -6.29 26.55 -19.83
N ASN A 234 -5.33 25.67 -20.08
CA ASN A 234 -4.18 26.01 -20.91
C ASN A 234 -3.79 24.86 -21.84
N ALA A 235 -3.40 25.19 -23.06
CA ALA A 235 -2.98 24.19 -24.02
C ALA A 235 -1.49 23.88 -23.88
N LEU A 236 -1.10 22.69 -24.32
CA LEU A 236 0.33 22.34 -24.42
C LEU A 236 0.83 22.61 -25.84
N PRO A 237 2.13 22.82 -26.00
CA PRO A 237 2.65 23.02 -27.35
C PRO A 237 2.56 21.75 -28.18
N SER A 238 2.66 21.90 -29.50
CA SER A 238 2.70 20.78 -30.42
C SER A 238 3.78 19.79 -30.00
N GLY A 239 3.47 18.51 -30.09
CA GLY A 239 4.46 17.47 -29.74
C GLY A 239 4.46 17.06 -28.29
N PHE A 240 3.61 17.68 -27.47
CA PHE A 240 3.44 17.31 -26.06
C PHE A 240 2.00 16.91 -25.80
N GLU A 241 1.79 15.86 -25.01
CA GLU A 241 0.46 15.47 -24.65
C GLU A 241 0.48 15.00 -23.23
N VAL A 242 -0.70 14.93 -22.62
CA VAL A 242 -0.78 14.46 -21.25
C VAL A 242 -1.24 13.02 -21.26
N GLY A 243 -0.55 12.17 -20.52
CA GLY A 243 -0.99 10.80 -20.37
C GLY A 243 -2.28 10.69 -19.58
N PHE A 244 -2.92 9.54 -19.68
CA PHE A 244 -4.07 9.22 -18.85
C PHE A 244 -3.96 7.76 -18.42
N ASP A 245 -4.58 7.42 -17.29
CA ASP A 245 -4.54 6.05 -16.82
C ASP A 245 -5.14 5.12 -17.85
N GLY A 246 -4.42 4.08 -18.23
CA GLY A 246 -4.86 3.13 -19.22
C GLY A 246 -4.43 3.42 -20.65
N MET A 247 -3.84 4.59 -20.88
CA MET A 247 -3.43 4.96 -22.25
C MET A 247 -2.48 3.93 -22.83
N GLU A 248 -2.73 3.50 -24.07
CA GLU A 248 -1.85 2.57 -24.77
C GLU A 248 -1.12 3.31 -25.86
N ILE A 249 0.18 3.03 -25.97
CA ILE A 249 1.09 3.65 -26.91
C ILE A 249 1.67 2.56 -27.79
N GLY A 250 1.40 2.64 -29.09
CA GLY A 250 2.01 1.72 -30.05
C GLY A 250 2.79 2.52 -31.07
N SER B 2 -24.61 3.54 22.24
CA SER B 2 -24.37 2.58 21.14
C SER B 2 -22.87 2.42 20.86
N LEU B 3 -22.33 1.25 21.17
CA LEU B 3 -20.96 0.91 20.77
C LEU B 3 -20.98 -0.26 19.81
N THR B 4 -20.51 -0.04 18.58
CA THR B 4 -20.40 -1.14 17.64
C THR B 4 -19.01 -1.18 17.02
N LEU B 5 -18.64 -2.38 16.57
CA LEU B 5 -17.35 -2.62 15.95
C LEU B 5 -17.58 -3.40 14.67
N THR B 6 -17.06 -2.89 13.56
CA THR B 6 -17.12 -3.58 12.29
C THR B 6 -15.72 -4.02 11.91
N LEU B 7 -15.59 -5.31 11.57
CA LEU B 7 -14.29 -5.82 11.11
C LEU B 7 -14.16 -5.57 9.63
N THR B 8 -13.37 -4.56 9.24
CA THR B 8 -13.27 -4.22 7.81
C THR B 8 -12.26 -5.11 7.09
N GLY B 9 -11.38 -5.74 7.84
CA GLY B 9 -10.46 -6.71 7.26
C GLY B 9 -10.14 -7.72 8.34
N THR B 10 -10.02 -8.99 7.95
CA THR B 10 -9.81 -10.07 8.90
C THR B 10 -8.68 -10.98 8.49
N GLY B 11 -7.85 -10.53 7.56
CA GLY B 11 -6.73 -11.31 7.09
C GLY B 11 -5.37 -10.79 7.53
N GLY B 12 -4.36 -11.52 7.11
CA GLY B 12 -2.97 -11.09 7.32
C GLY B 12 -2.41 -10.48 6.04
N ALA B 13 -1.10 -10.23 6.04
CA ALA B 13 -0.46 -9.60 4.92
C ALA B 13 -0.64 -10.37 3.62
N GLN B 14 -0.61 -11.69 3.72
CA GLN B 14 -0.77 -12.56 2.55
C GLN B 14 -2.18 -12.51 2.01
N GLY B 15 -3.15 -12.41 2.92
CA GLY B 15 -4.55 -12.31 2.54
C GLY B 15 -5.18 -13.62 2.15
N VAL B 16 -6.51 -13.58 1.97
CA VAL B 16 -7.24 -14.66 1.35
C VAL B 16 -8.08 -14.02 0.24
N PRO B 17 -7.90 -14.46 -1.02
CA PRO B 17 -6.98 -15.50 -1.48
C PRO B 17 -5.53 -15.05 -1.45
N ALA B 18 -4.65 -16.00 -1.16
CA ALA B 18 -3.23 -15.77 -1.34
C ALA B 18 -2.95 -15.72 -2.84
N TRP B 19 -2.05 -14.83 -3.26
CA TRP B 19 -1.90 -14.60 -4.69
C TRP B 19 -1.45 -15.87 -5.40
N GLY B 20 -2.25 -16.34 -6.35
CA GLY B 20 -1.91 -17.54 -7.12
C GLY B 20 -2.25 -18.86 -6.45
N CYS B 21 -2.76 -18.82 -5.23
CA CYS B 21 -3.02 -20.08 -4.52
C CYS B 21 -4.32 -20.71 -4.96
N GLU B 22 -4.31 -22.03 -5.13
CA GLU B 22 -5.52 -22.74 -5.52
C GLU B 22 -6.05 -23.68 -4.45
N CYS B 23 -5.67 -23.46 -3.19
CA CYS B 23 -6.20 -24.27 -2.10
C CYS B 23 -7.71 -24.04 -1.96
N ALA B 24 -8.36 -24.89 -1.19
CA ALA B 24 -9.83 -24.83 -1.09
C ALA B 24 -10.29 -23.45 -0.60
N ALA B 25 -9.55 -22.87 0.35
CA ALA B 25 -9.95 -21.59 0.91
C ALA B 25 -9.78 -20.43 -0.08
N CYS B 26 -8.68 -20.46 -0.82
CA CYS B 26 -8.44 -19.39 -1.77
C CYS B 26 -9.39 -19.49 -2.95
N ALA B 27 -9.60 -20.71 -3.44
CA ALA B 27 -10.56 -20.88 -4.53
C ALA B 27 -11.96 -20.42 -4.11
N ARG B 28 -12.34 -20.74 -2.87
CA ARG B 28 -13.65 -20.30 -2.37
C ARG B 28 -13.76 -18.78 -2.38
N ALA B 29 -12.74 -18.09 -1.89
CA ALA B 29 -12.78 -16.64 -1.81
C ALA B 29 -12.83 -15.97 -3.18
N ARG B 30 -12.24 -16.60 -4.19
CA ARG B 30 -12.33 -16.03 -5.54
C ARG B 30 -13.75 -16.15 -6.05
N ARG B 31 -14.35 -17.31 -5.81
CA ARG B 31 -15.67 -17.61 -6.32
C ARG B 31 -16.73 -16.81 -5.58
N SER B 32 -16.56 -16.72 -4.26
CA SER B 32 -17.54 -16.12 -3.36
C SER B 32 -16.87 -15.01 -2.57
N PRO B 33 -16.98 -13.78 -3.06
CA PRO B 33 -16.21 -12.66 -2.51
C PRO B 33 -16.38 -12.42 -1.03
N GLN B 34 -17.48 -12.87 -0.43
CA GLN B 34 -17.69 -12.63 1.00
C GLN B 34 -16.59 -13.29 1.84
N TYR B 35 -15.90 -14.28 1.27
CA TYR B 35 -14.83 -14.98 1.97
C TYR B 35 -13.45 -14.36 1.78
N ARG B 36 -13.35 -13.30 1.00
CA ARG B 36 -12.08 -12.59 0.88
C ARG B 36 -11.74 -11.98 2.23
N ARG B 37 -10.45 -11.92 2.54
CA ARG B 37 -9.99 -11.28 3.77
C ARG B 37 -8.93 -10.21 3.50
N GLN B 38 -9.32 -8.96 3.70
CA GLN B 38 -8.41 -7.83 3.57
C GLN B 38 -7.65 -7.62 4.88
N PRO B 39 -6.65 -6.74 4.89
CA PRO B 39 -5.82 -6.65 6.09
C PRO B 39 -6.59 -6.30 7.37
N CYS B 40 -6.20 -6.97 8.44
CA CYS B 40 -6.85 -6.87 9.75
C CYS B 40 -7.04 -5.42 10.20
N SER B 41 -8.30 -5.02 10.37
CA SER B 41 -8.64 -3.63 10.68
C SER B 41 -10.08 -3.57 11.13
N GLY B 42 -10.44 -2.48 11.81
CA GLY B 42 -11.78 -2.37 12.33
C GLY B 42 -12.25 -0.93 12.36
N VAL B 43 -13.57 -0.75 12.49
CA VAL B 43 -14.14 0.59 12.64
C VAL B 43 -15.02 0.56 13.89
N VAL B 44 -14.73 1.44 14.83
CA VAL B 44 -15.50 1.55 16.07
C VAL B 44 -16.42 2.75 15.93
N LYS B 45 -17.70 2.54 16.17
CA LYS B 45 -18.68 3.64 16.23
C LYS B 45 -19.23 3.70 17.64
N PHE B 46 -18.96 4.78 18.33
CA PHE B 46 -19.47 4.97 19.67
C PHE B 46 -20.26 6.26 19.67
N ASN B 47 -21.58 6.13 19.82
CA ASN B 47 -22.46 7.27 19.65
C ASN B 47 -22.19 7.83 18.26
N ASP B 48 -21.82 9.10 18.16
CA ASP B 48 -21.58 9.69 16.85
C ASP B 48 -20.15 9.46 16.34
N ALA B 49 -19.24 9.14 17.26
CA ALA B 49 -17.80 9.20 16.99
C ALA B 49 -17.27 7.93 16.34
N ILE B 50 -16.32 8.10 15.41
CA ILE B 50 -15.78 6.96 14.67
C ILE B 50 -14.28 6.88 14.82
N THR B 51 -13.81 5.67 15.17
CA THR B 51 -12.39 5.37 15.29
C THR B 51 -12.03 4.29 14.28
N LEU B 52 -10.95 4.54 13.53
CA LEU B 52 -10.43 3.53 12.60
C LEU B 52 -9.25 2.83 13.28
N ILE B 53 -9.46 1.55 13.59
CA ILE B 53 -8.39 0.71 14.16
C ILE B 53 -7.58 0.11 13.01
N ASP B 54 -6.35 0.60 12.90
CA ASP B 54 -5.40 0.24 11.85
C ASP B 54 -5.82 0.71 10.49
N ALA B 55 -4.90 0.60 9.53
CA ALA B 55 -5.06 1.30 8.26
C ALA B 55 -4.44 0.49 7.14
N GLY B 56 -4.72 -0.80 7.12
CA GLY B 56 -4.16 -1.65 6.08
C GLY B 56 -4.97 -1.69 4.80
N LEU B 57 -6.21 -1.21 4.83
CA LEU B 57 -7.00 -1.20 3.60
C LEU B 57 -6.43 -0.17 2.64
N HIS B 58 -6.46 -0.46 1.34
CA HIS B 58 -5.89 0.47 0.39
C HIS B 58 -6.90 1.43 -0.21
N ASP B 59 -8.15 1.38 0.25
CA ASP B 59 -9.18 2.24 -0.32
C ASP B 59 -9.87 3.11 0.72
N LEU B 60 -9.15 3.44 1.79
CA LEU B 60 -9.70 4.31 2.83
C LEU B 60 -10.12 5.67 2.27
N ALA B 61 -9.39 6.16 1.27
CA ALA B 61 -9.65 7.47 0.71
C ALA B 61 -10.98 7.51 -0.02
N ASP B 62 -11.49 6.33 -0.39
CA ASP B 62 -12.80 6.22 -1.04
C ASP B 62 -13.92 5.88 -0.06
N ARG B 63 -13.56 5.36 1.12
CA ARG B 63 -14.53 5.01 2.13
C ARG B 63 -14.84 6.20 3.05
N TRP B 64 -13.87 7.12 3.16
CA TRP B 64 -13.93 8.20 4.14
C TRP B 64 -13.45 9.50 3.51
N SER B 65 -13.94 10.63 4.02
CA SER B 65 -13.35 11.93 3.70
C SER B 65 -12.66 12.51 4.92
N PRO B 66 -11.75 13.47 4.73
CA PRO B 66 -11.13 14.10 5.87
C PRO B 66 -12.20 14.71 6.76
N GLY B 67 -12.19 14.33 8.03
CA GLY B 67 -13.14 14.87 9.00
C GLY B 67 -14.37 14.01 9.21
N SER B 68 -14.50 12.93 8.43
CA SER B 68 -15.66 12.06 8.53
C SER B 68 -15.51 11.00 9.61
N PHE B 69 -14.31 10.96 10.22
CA PHE B 69 -14.05 10.11 11.38
C PHE B 69 -13.15 10.89 12.30
N GLN B 70 -13.04 10.44 13.56
CA GLN B 70 -12.40 11.26 14.58
C GLN B 70 -10.90 11.01 14.73
N GLN B 71 -10.48 9.74 14.65
CA GLN B 71 -9.06 9.43 14.81
C GLN B 71 -8.74 8.04 14.29
N PHE B 72 -7.44 7.83 14.03
CA PHE B 72 -6.91 6.49 13.85
C PHE B 72 -6.42 5.97 15.20
N LEU B 73 -6.55 4.66 15.40
CA LEU B 73 -5.94 4.00 16.54
C LEU B 73 -5.12 2.85 15.97
N LEU B 74 -3.80 2.94 16.11
CA LEU B 74 -2.90 1.94 15.49
C LEU B 74 -2.38 0.95 16.51
N THR B 75 -2.30 -0.30 16.11
CA THR B 75 -1.68 -1.33 16.95
C THR B 75 -0.17 -1.36 16.83
N HIS B 76 0.33 -1.22 15.60
CA HIS B 76 1.75 -1.29 15.32
C HIS B 76 2.01 -0.84 13.88
N TYR B 77 3.30 -0.72 13.54
CA TYR B 77 3.72 -0.11 12.28
C TYR B 77 4.19 -1.08 11.21
N HIS B 78 3.84 -2.34 11.30
CA HIS B 78 4.02 -3.24 10.16
C HIS B 78 3.25 -2.69 8.97
N MET B 79 3.83 -2.88 7.78
CA MET B 79 3.24 -2.35 6.57
C MET B 79 1.76 -2.72 6.36
N ASP B 80 1.38 -3.96 6.63
CA ASP B 80 -0.01 -4.35 6.46
C ASP B 80 -0.99 -3.67 7.40
N HIS B 81 -0.49 -2.89 8.37
CA HIS B 81 -1.37 -2.17 9.28
C HIS B 81 -1.35 -0.68 9.05
N VAL B 82 -0.43 -0.20 8.20
CA VAL B 82 -0.35 1.24 7.97
C VAL B 82 -0.25 1.66 6.50
N GLN B 83 -0.15 0.70 5.59
CA GLN B 83 0.04 1.03 4.18
C GLN B 83 -1.07 1.95 3.66
N GLY B 84 -2.27 1.87 4.24
CA GLY B 84 -3.38 2.70 3.80
C GLY B 84 -3.26 4.16 4.18
N LEU B 85 -2.28 4.51 5.02
CA LEU B 85 -2.05 5.90 5.40
C LEU B 85 -1.37 6.68 4.31
N PHE B 86 -0.64 5.99 3.45
CA PHE B 86 0.11 6.68 2.40
C PHE B 86 -0.75 7.47 1.37
N PRO B 87 -1.87 6.90 0.91
CA PRO B 87 -2.76 7.67 0.01
C PRO B 87 -3.57 8.77 0.72
N LEU B 88 -3.40 8.89 2.04
CA LEU B 88 -4.19 9.85 2.83
C LEU B 88 -3.39 11.06 3.25
N ARG B 89 -2.10 10.89 3.45
CA ARG B 89 -1.33 11.91 4.14
C ARG B 89 -1.28 13.23 3.36
N TRP B 90 -1.39 13.18 2.04
CA TRP B 90 -1.30 14.39 1.22
C TRP B 90 -2.67 14.99 0.95
N GLY B 91 -3.64 14.64 1.78
CA GLY B 91 -4.97 15.16 1.61
C GLY B 91 -5.13 16.62 2.03
N VAL B 92 -6.34 17.11 1.84
CA VAL B 92 -6.68 18.48 2.18
C VAL B 92 -7.67 18.40 3.34
N GLY B 93 -7.32 19.01 4.46
CA GLY B 93 -8.23 19.00 5.59
C GLY B 93 -7.50 19.28 6.89
N ASP B 94 -8.25 19.20 7.98
CA ASP B 94 -7.70 19.41 9.30
C ASP B 94 -6.84 18.21 9.69
N PRO B 95 -5.92 18.42 10.64
CA PRO B 95 -5.08 17.32 11.13
C PRO B 95 -5.92 16.17 11.67
N ILE B 96 -5.44 14.95 11.42
CA ILE B 96 -6.14 13.76 11.89
C ILE B 96 -5.32 13.08 12.96
N PRO B 97 -5.87 12.98 14.18
CA PRO B 97 -5.07 12.35 15.22
C PRO B 97 -4.80 10.87 14.94
N VAL B 98 -3.57 10.46 15.18
CA VAL B 98 -3.18 9.05 15.11
C VAL B 98 -2.67 8.59 16.46
N TYR B 99 -3.47 7.79 17.15
CA TYR B 99 -3.10 7.23 18.46
C TYR B 99 -2.39 5.91 18.25
N GLY B 100 -1.35 5.62 19.01
CA GLY B 100 -0.64 4.35 18.85
C GLY B 100 0.58 4.24 19.73
N PRO B 101 1.32 3.14 19.60
CA PRO B 101 2.48 2.92 20.43
C PRO B 101 3.61 3.88 20.08
N PRO B 102 4.50 4.15 21.05
CA PRO B 102 5.63 5.03 20.81
C PRO B 102 6.77 4.33 20.06
N ASP B 103 6.43 3.81 18.89
CA ASP B 103 7.43 3.25 17.99
C ASP B 103 8.22 4.44 17.44
N GLU B 104 9.53 4.45 17.63
CA GLU B 104 10.29 5.64 17.27
C GLU B 104 10.55 5.79 15.77
N GLN B 105 10.48 4.68 15.03
CA GLN B 105 10.79 4.71 13.59
C GLN B 105 9.56 4.86 12.70
N GLY B 106 8.45 4.26 13.10
CA GLY B 106 7.25 4.31 12.27
C GLY B 106 7.40 3.33 11.11
N CYS B 107 6.95 3.75 9.93
CA CYS B 107 7.09 2.93 8.72
C CYS B 107 7.49 3.85 7.57
N ASP B 108 8.56 3.46 6.88
CA ASP B 108 9.10 4.28 5.79
C ASP B 108 9.15 5.74 6.23
N ASP B 109 8.66 6.67 5.43
CA ASP B 109 8.81 8.09 5.78
C ASP B 109 7.57 8.78 6.34
N LEU B 110 6.66 8.00 6.96
CA LEU B 110 5.44 8.55 7.55
C LEU B 110 5.75 9.64 8.57
N PHE B 111 6.70 9.36 9.45
CA PHE B 111 6.99 10.31 10.54
C PHE B 111 7.63 11.59 10.04
N LYS B 112 8.60 11.45 9.12
CA LYS B 112 9.26 12.62 8.53
C LYS B 112 8.33 13.46 7.65
N HIS B 113 7.42 12.80 6.94
CA HIS B 113 6.51 13.51 6.04
C HIS B 113 5.06 13.12 6.33
N PRO B 114 4.54 13.58 7.47
CA PRO B 114 3.24 13.05 7.90
C PRO B 114 2.03 13.69 7.23
N GLY B 115 2.21 14.84 6.57
CA GLY B 115 1.08 15.54 5.96
C GLY B 115 0.00 15.88 6.98
N LEU B 116 -1.24 15.48 6.72
CA LEU B 116 -2.31 15.79 7.66
C LEU B 116 -2.40 14.83 8.83
N LEU B 117 -1.55 13.81 8.87
CA LEU B 117 -1.60 12.85 9.97
C LEU B 117 -0.82 13.35 11.18
N ASP B 118 -1.44 13.29 12.36
CA ASP B 118 -0.79 13.74 13.59
C ASP B 118 -0.41 12.56 14.48
N PHE B 119 0.83 12.14 14.37
CA PHE B 119 1.35 10.96 15.09
C PHE B 119 1.82 11.27 16.51
N SER B 120 1.60 12.49 16.97
CA SER B 120 2.10 12.89 18.30
C SER B 120 1.33 12.22 19.44
N HIS B 121 0.20 11.60 19.10
CA HIS B 121 -0.71 11.06 20.12
C HIS B 121 -0.33 9.65 20.59
N THR B 122 0.90 9.48 21.01
CA THR B 122 1.35 8.19 21.50
C THR B 122 0.69 7.90 22.85
N VAL B 123 0.50 6.61 23.11
CA VAL B 123 -0.20 6.14 24.32
C VAL B 123 0.72 5.24 25.13
N GLU B 124 0.28 4.89 26.34
CA GLU B 124 1.13 4.13 27.28
C GLU B 124 0.39 2.89 27.78
N PRO B 125 1.13 1.79 27.99
CA PRO B 125 0.51 0.59 28.53
C PRO B 125 -0.31 0.87 29.79
N PHE B 126 -1.55 0.43 29.78
CA PHE B 126 -2.41 0.44 30.96
C PHE B 126 -2.78 1.82 31.45
N VAL B 127 -2.52 2.84 30.64
CA VAL B 127 -2.93 4.19 30.98
C VAL B 127 -4.13 4.54 30.11
N VAL B 128 -5.30 4.70 30.73
CA VAL B 128 -6.54 4.92 30.04
C VAL B 128 -6.58 6.28 29.37
N PHE B 129 -7.11 6.31 28.16
CA PHE B 129 -7.45 7.58 27.51
C PHE B 129 -8.89 7.55 26.97
N ASP B 130 -9.42 8.74 26.65
CA ASP B 130 -10.81 8.92 26.34
C ASP B 130 -10.97 9.32 24.88
N LEU B 131 -11.78 8.56 24.14
CA LEU B 131 -12.13 8.94 22.76
C LEU B 131 -13.60 9.24 22.71
N GLN B 132 -13.94 10.53 22.77
CA GLN B 132 -15.33 10.96 22.76
C GLN B 132 -16.18 10.12 23.73
N GLY B 133 -15.66 9.86 24.91
CA GLY B 133 -16.44 9.16 25.92
C GLY B 133 -16.06 7.69 26.05
N LEU B 134 -15.51 7.12 24.98
CA LEU B 134 -15.10 5.71 25.01
C LEU B 134 -13.78 5.59 25.77
N GLN B 135 -13.73 4.67 26.75
CA GLN B 135 -12.52 4.49 27.56
C GLN B 135 -11.61 3.44 26.93
N VAL B 136 -10.38 3.83 26.61
CA VAL B 136 -9.46 2.97 25.87
C VAL B 136 -8.20 2.67 26.68
N THR B 137 -7.85 1.39 26.84
CA THR B 137 -6.66 0.99 27.56
C THR B 137 -5.67 0.26 26.67
N PRO B 138 -4.47 0.81 26.47
CA PRO B 138 -3.48 0.07 25.67
C PRO B 138 -2.96 -1.15 26.40
N LEU B 139 -2.81 -2.24 25.66
CA LEU B 139 -2.37 -3.53 26.22
C LEU B 139 -1.18 -4.05 25.45
N PRO B 140 -0.01 -4.18 26.08
CA PRO B 140 1.14 -4.69 25.34
C PRO B 140 0.88 -6.10 24.83
N LEU B 141 1.30 -6.35 23.58
CA LEU B 141 1.17 -7.67 22.97
C LEU B 141 2.54 -8.28 22.67
N ASN B 142 2.54 -9.55 22.27
CA ASN B 142 3.77 -10.28 22.02
C ASN B 142 3.97 -10.37 20.51
N HIS B 143 4.83 -9.51 19.95
CA HIS B 143 4.96 -9.42 18.50
C HIS B 143 6.33 -8.83 18.16
N SER B 144 6.76 -8.96 16.91
CA SER B 144 8.11 -8.55 16.50
C SER B 144 8.34 -7.05 16.40
N LYS B 145 7.26 -6.28 16.43
CA LYS B 145 7.34 -4.83 16.57
C LYS B 145 6.64 -4.45 17.86
N LEU B 146 6.97 -3.29 18.40
CA LEU B 146 6.23 -2.73 19.53
C LEU B 146 4.76 -2.66 19.13
N THR B 147 3.92 -3.40 19.83
CA THR B 147 2.53 -3.59 19.45
C THR B 147 1.61 -3.50 20.65
N PHE B 148 0.58 -2.68 20.53
CA PHE B 148 -0.48 -2.61 21.53
C PHE B 148 -1.81 -3.13 20.99
N GLY B 149 -2.51 -3.91 21.80
CA GLY B 149 -3.94 -4.12 21.62
C GLY B 149 -4.67 -3.11 22.49
N TYR B 150 -6.00 -3.13 22.45
CA TYR B 150 -6.77 -2.13 23.21
C TYR B 150 -8.00 -2.74 23.83
N LEU B 151 -8.24 -2.35 25.09
CA LEU B 151 -9.53 -2.61 25.70
C LEU B 151 -10.38 -1.38 25.44
N LEU B 152 -11.60 -1.60 24.97
CA LEU B 152 -12.55 -0.52 24.72
C LEU B 152 -13.68 -0.70 25.68
N GLU B 153 -13.99 0.33 26.46
CA GLU B 153 -15.02 0.19 27.49
C GLU B 153 -15.99 1.36 27.57
N THR B 154 -17.27 1.04 27.68
CA THR B 154 -18.31 2.02 28.00
C THR B 154 -19.32 1.35 28.89
N ALA B 155 -19.67 1.99 30.00
CA ALA B 155 -20.71 1.45 30.88
C ALA B 155 -20.50 -0.02 31.17
N HIS B 156 -19.30 -0.37 31.63
CA HIS B 156 -18.98 -1.75 32.00
C HIS B 156 -19.14 -2.80 30.88
N SER B 157 -19.39 -2.35 29.65
CA SER B 157 -19.32 -3.21 28.46
C SER B 157 -17.92 -3.10 27.90
N ARG B 158 -17.24 -4.24 27.73
CA ARG B 158 -15.84 -4.26 27.33
C ARG B 158 -15.59 -5.12 26.09
N VAL B 159 -14.86 -4.56 25.13
CA VAL B 159 -14.39 -5.28 23.94
C VAL B 159 -12.88 -5.16 23.86
N ALA B 160 -12.20 -6.28 23.64
CA ALA B 160 -10.75 -6.26 23.49
C ALA B 160 -10.37 -6.46 22.03
N TRP B 161 -9.43 -5.65 21.54
CA TRP B 161 -8.87 -5.80 20.19
C TRP B 161 -7.43 -6.25 20.33
N LEU B 162 -7.17 -7.51 20.00
CA LEU B 162 -5.87 -8.12 20.27
C LEU B 162 -5.22 -8.72 19.02
N SER B 163 -4.71 -7.84 18.16
CA SER B 163 -3.89 -8.25 17.01
C SER B 163 -2.81 -7.18 16.80
N ASP B 164 -1.60 -7.52 16.37
CA ASP B 164 -1.10 -8.90 16.12
C ASP B 164 -0.39 -9.41 17.39
N THR B 165 -0.50 -10.70 17.71
CA THR B 165 0.16 -11.20 18.93
C THR B 165 0.27 -12.72 18.92
N ALA B 166 1.31 -13.21 19.58
CA ALA B 166 1.52 -14.63 19.91
C ALA B 166 1.56 -14.80 21.42
N GLY B 167 0.57 -15.49 22.00
CA GLY B 167 0.51 -15.67 23.45
C GLY B 167 0.81 -14.41 24.25
N LEU B 168 -0.15 -13.95 25.03
CA LEU B 168 -0.08 -12.64 25.68
C LEU B 168 0.95 -12.51 26.79
N PRO B 169 1.56 -11.32 26.90
CA PRO B 169 2.40 -11.04 28.06
C PRO B 169 1.61 -11.24 29.36
N GLU B 170 2.31 -11.62 30.43
CA GLU B 170 1.63 -11.93 31.70
C GLU B 170 0.79 -10.80 32.26
N LYS B 171 1.32 -9.58 32.25
CA LYS B 171 0.56 -8.45 32.80
C LYS B 171 -0.71 -8.19 31.99
N THR B 172 -0.60 -8.37 30.67
CA THR B 172 -1.75 -8.19 29.81
C THR B 172 -2.79 -9.29 30.02
N LEU B 173 -2.31 -10.54 30.09
CA LEU B 173 -3.19 -11.67 30.39
C LEU B 173 -3.94 -11.47 31.73
N LYS B 174 -3.20 -11.08 32.77
CA LYS B 174 -3.79 -10.84 34.07
C LYS B 174 -4.80 -9.69 34.03
N PHE B 175 -4.43 -8.59 33.36
CA PHE B 175 -5.35 -7.48 33.22
C PHE B 175 -6.66 -7.92 32.55
N LEU B 176 -6.55 -8.70 31.49
CA LEU B 176 -7.76 -9.12 30.78
C LEU B 176 -8.62 -10.05 31.64
N ARG B 177 -7.97 -10.91 32.41
CA ARG B 177 -8.70 -11.77 33.35
C ARG B 177 -9.48 -10.93 34.34
N ASN B 178 -8.86 -9.85 34.80
CA ASN B 178 -9.45 -8.99 35.83
C ASN B 178 -10.42 -7.94 35.28
N ASN B 179 -10.42 -7.78 33.97
CA ASN B 179 -11.33 -6.85 33.30
C ASN B 179 -12.00 -7.57 32.14
N GLN B 180 -12.68 -8.66 32.48
CA GLN B 180 -13.16 -9.65 31.52
C GLN B 180 -13.91 -9.00 30.37
N PRO B 181 -13.42 -9.19 29.14
CA PRO B 181 -14.16 -8.61 28.02
C PRO B 181 -15.36 -9.47 27.67
N GLN B 182 -16.48 -8.84 27.38
CA GLN B 182 -17.64 -9.58 26.89
C GLN B 182 -17.35 -10.14 25.49
N VAL B 183 -16.50 -9.43 24.74
CA VAL B 183 -16.11 -9.86 23.40
C VAL B 183 -14.63 -9.60 23.23
N MET B 184 -13.90 -10.57 22.68
CA MET B 184 -12.46 -10.44 22.45
C MET B 184 -12.21 -10.76 20.98
N VAL B 185 -11.66 -9.81 20.25
CA VAL B 185 -11.22 -10.03 18.86
C VAL B 185 -9.74 -10.35 18.89
N MET B 186 -9.37 -11.54 18.45
CA MET B 186 -8.08 -12.15 18.81
C MET B 186 -7.37 -12.60 17.54
N ASP B 187 -6.10 -12.23 17.36
CA ASP B 187 -5.26 -12.80 16.29
C ASP B 187 -5.22 -14.32 16.46
N CYS B 188 -5.67 -15.06 15.45
CA CYS B 188 -5.48 -16.50 15.42
C CYS B 188 -5.17 -16.82 13.97
N SER B 189 -3.93 -16.59 13.56
CA SER B 189 -3.52 -16.80 12.20
C SER B 189 -3.56 -18.25 11.80
N HIS B 190 -3.20 -19.13 12.73
CA HIS B 190 -2.83 -20.50 12.37
C HIS B 190 -3.81 -21.53 12.87
N PRO B 191 -3.97 -22.63 12.11
CA PRO B 191 -4.73 -23.76 12.64
C PRO B 191 -4.00 -24.35 13.85
N PRO B 192 -4.65 -25.26 14.58
CA PRO B 192 -3.99 -25.79 15.78
C PRO B 192 -2.64 -26.42 15.46
N ARG B 193 -1.66 -26.08 16.29
CA ARG B 193 -0.27 -26.49 16.12
C ARG B 193 0.22 -27.18 17.39
N ALA B 194 1.21 -28.06 17.25
CA ALA B 194 1.86 -28.69 18.39
C ALA B 194 2.75 -27.72 19.18
N ASP B 195 3.19 -26.64 18.54
CA ASP B 195 4.00 -25.61 19.21
C ASP B 195 3.39 -24.25 18.98
N ALA B 196 3.48 -23.40 20.00
CA ALA B 196 2.99 -22.03 19.87
C ALA B 196 3.89 -21.29 18.89
N PRO B 197 3.31 -20.73 17.81
CA PRO B 197 4.13 -19.96 16.87
C PRO B 197 4.63 -18.62 17.46
N ARG B 198 5.64 -18.04 16.83
CA ARG B 198 6.37 -16.87 17.34
C ARG B 198 5.65 -15.51 17.32
N ASN B 199 4.99 -15.19 16.22
CA ASN B 199 4.44 -13.83 16.08
C ASN B 199 2.92 -13.69 16.05
N HIS B 200 2.24 -14.82 15.90
CA HIS B 200 0.79 -14.87 15.81
C HIS B 200 0.35 -16.15 16.44
N CYS B 201 -0.78 -16.12 17.12
CA CYS B 201 -1.34 -17.31 17.76
C CYS B 201 -1.81 -18.38 16.78
N ASP B 202 -1.77 -19.62 17.25
CA ASP B 202 -2.57 -20.70 16.65
C ASP B 202 -3.78 -20.97 17.53
N LEU B 203 -4.69 -21.79 17.03
CA LEU B 203 -5.92 -22.02 17.78
C LEU B 203 -5.67 -22.55 19.19
N ASN B 204 -4.73 -23.48 19.36
CA ASN B 204 -4.49 -24.06 20.67
C ASN B 204 -4.03 -23.00 21.67
N THR B 205 -3.26 -22.01 21.22
CA THR B 205 -2.84 -20.91 22.11
C THR B 205 -4.04 -20.07 22.52
N VAL B 206 -4.91 -19.76 21.57
CA VAL B 206 -6.08 -18.97 21.90
C VAL B 206 -6.98 -19.69 22.91
N LEU B 207 -7.14 -21.01 22.75
CA LEU B 207 -7.96 -21.77 23.67
C LEU B 207 -7.32 -21.71 25.06
N ALA B 208 -6.01 -21.85 25.13
CA ALA B 208 -5.32 -21.77 26.42
C ALA B 208 -5.52 -20.40 27.07
N LEU B 209 -5.38 -19.34 26.29
CA LEU B 209 -5.51 -17.99 26.84
C LEU B 209 -6.90 -17.75 27.37
N ASN B 210 -7.92 -18.25 26.66
CA ASN B 210 -9.27 -17.95 27.11
C ASN B 210 -9.72 -18.79 28.30
N GLN B 211 -8.95 -19.82 28.62
CA GLN B 211 -9.20 -20.56 29.86
C GLN B 211 -8.86 -19.69 31.06
N VAL B 212 -7.96 -18.74 30.86
CA VAL B 212 -7.59 -17.80 31.90
C VAL B 212 -8.49 -16.56 31.87
N ILE B 213 -8.73 -16.02 30.68
CA ILE B 213 -9.51 -14.80 30.56
C ILE B 213 -11.01 -15.04 30.71
N ARG B 214 -11.49 -16.14 30.12
CA ARG B 214 -12.90 -16.52 30.24
C ARG B 214 -13.87 -15.53 29.58
N SER B 215 -13.45 -14.94 28.46
CA SER B 215 -14.39 -14.12 27.69
C SER B 215 -15.46 -15.03 27.09
N PRO B 216 -16.73 -14.64 27.21
CA PRO B 216 -17.80 -15.49 26.69
C PRO B 216 -17.94 -15.49 25.17
N ARG B 217 -17.25 -14.58 24.48
CA ARG B 217 -17.32 -14.54 23.02
C ARG B 217 -15.99 -14.14 22.41
N VAL B 218 -15.31 -15.11 21.83
CA VAL B 218 -14.01 -14.86 21.22
C VAL B 218 -14.16 -14.94 19.70
N ILE B 219 -13.79 -13.85 19.03
CA ILE B 219 -13.89 -13.79 17.58
C ILE B 219 -12.48 -13.80 17.02
N LEU B 220 -12.18 -14.80 16.21
CA LEU B 220 -10.85 -15.00 15.66
C LEU B 220 -10.66 -14.14 14.41
N THR B 221 -9.51 -13.48 14.33
CA THR B 221 -9.20 -12.68 13.17
C THR B 221 -7.75 -12.88 12.73
N HIS B 222 -7.33 -12.15 11.71
CA HIS B 222 -6.01 -12.30 11.15
C HIS B 222 -5.83 -13.72 10.62
N ILE B 223 -6.87 -14.28 10.01
CA ILE B 223 -6.96 -15.68 9.60
C ILE B 223 -6.13 -15.95 8.34
N SER B 224 -5.24 -16.94 8.39
CA SER B 224 -4.48 -17.30 7.19
C SER B 224 -5.27 -18.25 6.30
N HIS B 225 -4.86 -18.36 5.04
CA HIS B 225 -5.57 -19.29 4.16
C HIS B 225 -5.50 -20.73 4.67
N GLN B 226 -4.41 -21.13 5.34
CA GLN B 226 -4.31 -22.49 5.86
C GLN B 226 -5.35 -22.72 6.97
N PHE B 227 -5.53 -21.71 7.82
CA PHE B 227 -6.54 -21.85 8.88
C PHE B 227 -7.93 -21.88 8.26
N ASP B 228 -8.20 -21.04 7.26
CA ASP B 228 -9.50 -21.15 6.56
C ASP B 228 -9.72 -22.54 5.98
N ALA B 229 -8.70 -23.11 5.37
CA ALA B 229 -8.85 -24.47 4.86
C ALA B 229 -9.21 -25.46 5.97
N TRP B 230 -8.57 -25.32 7.13
CA TRP B 230 -8.84 -26.19 8.26
C TRP B 230 -10.28 -25.98 8.73
N LEU B 231 -10.71 -24.72 8.77
CA LEU B 231 -12.06 -24.38 9.27
C LEU B 231 -13.14 -24.93 8.34
N MET B 232 -12.79 -25.18 7.08
CA MET B 232 -13.76 -25.73 6.14
C MET B 232 -14.06 -27.19 6.48
N GLU B 233 -13.20 -27.82 7.27
CA GLU B 233 -13.37 -29.24 7.57
C GLU B 233 -13.49 -29.53 9.07
N ASN B 234 -13.35 -28.50 9.90
CA ASN B 234 -13.30 -28.69 11.34
C ASN B 234 -14.01 -27.57 12.07
N ALA B 235 -14.80 -27.91 13.08
CA ALA B 235 -15.56 -26.91 13.80
C ALA B 235 -14.77 -26.31 14.94
N LEU B 236 -15.03 -25.04 15.23
CA LEU B 236 -14.49 -24.40 16.43
C LEU B 236 -15.32 -24.80 17.62
N PRO B 237 -14.71 -24.86 18.81
CA PRO B 237 -15.48 -25.12 20.01
C PRO B 237 -16.46 -23.99 20.30
N SER B 238 -17.49 -24.31 21.08
CA SER B 238 -18.44 -23.33 21.58
C SER B 238 -17.72 -22.15 22.22
N GLY B 239 -18.20 -20.94 21.94
CA GLY B 239 -17.62 -19.75 22.53
C GLY B 239 -16.61 -19.05 21.64
N PHE B 240 -16.31 -19.66 20.48
CA PHE B 240 -15.30 -19.15 19.55
C PHE B 240 -15.92 -19.08 18.18
N GLU B 241 -15.70 -17.99 17.46
CA GLU B 241 -16.24 -17.92 16.13
C GLU B 241 -15.22 -17.27 15.24
N VAL B 242 -15.34 -17.52 13.94
CA VAL B 242 -14.39 -16.90 13.03
C VAL B 242 -14.92 -15.59 12.50
N GLY B 243 -14.10 -14.55 12.56
CA GLY B 243 -14.51 -13.27 12.02
C GLY B 243 -14.52 -13.30 10.49
N PHE B 244 -15.20 -12.33 9.91
CA PHE B 244 -15.21 -12.19 8.47
C PHE B 244 -15.30 -10.72 8.11
N ASP B 245 -14.87 -10.39 6.88
CA ASP B 245 -14.87 -9.00 6.44
C ASP B 245 -16.31 -8.49 6.43
N GLY B 246 -16.53 -7.37 7.09
CA GLY B 246 -17.88 -6.79 7.17
C GLY B 246 -18.68 -7.20 8.39
N MET B 247 -18.14 -8.10 9.21
CA MET B 247 -18.85 -8.54 10.43
C MET B 247 -19.13 -7.35 11.34
N GLU B 248 -20.36 -7.26 11.84
CA GLU B 248 -20.76 -6.22 12.78
C GLU B 248 -20.89 -6.81 14.17
N ILE B 249 -20.25 -6.17 15.14
CA ILE B 249 -20.24 -6.66 16.51
C ILE B 249 -20.89 -5.63 17.42
N GLY B 250 -21.90 -6.07 18.18
CA GLY B 250 -22.58 -5.20 19.15
C GLY B 250 -22.21 -5.54 20.59
N VAL B 251 -22.69 -4.73 21.53
CA VAL B 251 -22.40 -4.94 22.94
C VAL B 251 -23.65 -4.96 23.80
#